data_4NJK
#
_entry.id   4NJK
#
_cell.length_a   118.790
_cell.length_b   118.790
_cell.length_c   102.664
_cell.angle_alpha   90.00
_cell.angle_beta   90.00
_cell.angle_gamma   90.00
#
_symmetry.space_group_name_H-M   'P 43 21 2'
#
loop_
_entity.id
_entity.type
_entity.pdbx_description
1 polymer '7-carboxy-7-deazaguanine synthase'
2 non-polymer 'IRON/SULFUR CLUSTER'
3 non-polymer S-ADENOSYLMETHIONINE
4 non-polymer '2-amino-4-oxo-4,7-dihydro-3H-pyrrolo[2,3-d]pyrimidine-5-carboxylic acid'
5 non-polymer 'MAGNESIUM ION'
6 non-polymer 'PHOSPHATE ION'
7 non-polymer 'SODIUM ION'
8 water water
#
_entity_poly.entity_id   1
_entity_poly.type   'polypeptide(L)'
_entity_poly.pdbx_seq_one_letter_code
;MGSSHHHHHHSSGLVPRGSHMTYAVKEIFYTLQGEGANAGRPAVFCRFAGCNLWSGREEDRAQAVCRFCDTDFVGTDGEN
GGKFKDADALVATIAGLWPAGEAHRFVVCTGGEPMLQLDQPLVDALHAAGFGIAIETNGSLPVLESIDWICVSPKADAPL
VVTKGNELKVVIPQDNQRLADYAKLDFEYFLVQPMDGPSRDLNTKLAIDWCKRHPQWRLSMQTHKYLNIP
;
_entity_poly.pdbx_strand_id   A,B
#
# COMPACT_ATOMS: atom_id res chain seq x y z
N THR A 22 17.04 -0.76 -29.85
CA THR A 22 16.33 0.52 -29.88
C THR A 22 14.95 0.50 -29.15
N TYR A 23 14.69 1.53 -28.36
CA TYR A 23 13.50 1.57 -27.52
C TYR A 23 12.61 2.75 -27.87
N ALA A 24 11.31 2.48 -28.01
CA ALA A 24 10.34 3.53 -28.24
C ALA A 24 9.58 3.82 -26.95
N VAL A 25 9.82 5.01 -26.38
CA VAL A 25 9.37 5.37 -25.04
C VAL A 25 8.45 6.58 -25.09
N LYS A 26 7.24 6.41 -24.59
CA LYS A 26 6.21 7.45 -24.61
C LYS A 26 6.61 8.58 -23.66
N GLU A 27 7.01 8.20 -22.46
CA GLU A 27 7.36 9.18 -21.41
C GLU A 27 8.14 8.52 -20.27
N ILE A 28 8.92 9.35 -19.55
CA ILE A 28 9.64 8.88 -18.35
C ILE A 28 9.44 9.96 -17.31
N PHE A 29 8.93 9.61 -16.12
CA PHE A 29 8.66 10.60 -15.11
C PHE A 29 8.91 10.03 -13.71
N TYR A 30 9.15 10.93 -12.76
CA TYR A 30 9.46 10.55 -11.37
C TYR A 30 8.27 10.86 -10.48
N THR A 31 7.76 9.87 -9.76
CA THR A 31 6.56 10.06 -8.98
C THR A 31 6.51 9.01 -7.85
N LEU A 32 5.36 8.80 -7.24
CA LEU A 32 5.18 7.65 -6.37
C LEU A 32 4.38 6.59 -7.12
N GLN A 33 4.78 5.33 -7.01
CA GLN A 33 3.95 4.20 -7.48
C GLN A 33 2.58 4.33 -6.81
N GLY A 34 1.52 4.39 -7.60
CA GLY A 34 0.20 4.57 -7.03
C GLY A 34 -0.49 3.27 -6.69
N GLU A 35 0.02 2.15 -7.18
CA GLU A 35 -0.76 0.91 -7.24
C GLU A 35 -0.02 -0.28 -6.67
N GLY A 36 -0.77 -1.31 -6.27
CA GLY A 36 -0.19 -2.59 -5.94
C GLY A 36 0.53 -2.55 -4.59
N ALA A 37 1.30 -3.57 -4.28
CA ALA A 37 1.91 -3.65 -2.95
C ALA A 37 3.02 -2.61 -2.72
N ASN A 38 3.55 -2.08 -3.81
CA ASN A 38 4.54 -0.99 -3.72
C ASN A 38 3.90 0.40 -3.76
N ALA A 39 2.60 0.50 -3.52
CA ALA A 39 1.99 1.84 -3.53
C ALA A 39 2.64 2.76 -2.50
N GLY A 40 2.90 4.00 -2.89
CA GLY A 40 3.57 4.97 -2.03
C GLY A 40 5.08 5.10 -2.23
N ARG A 41 5.65 4.21 -3.02
CA ARG A 41 7.11 4.15 -3.15
C ARG A 41 7.63 5.02 -4.30
N PRO A 42 8.60 5.90 -4.03
CA PRO A 42 9.17 6.70 -5.13
C PRO A 42 9.72 5.82 -6.24
N ALA A 43 9.44 6.19 -7.48
CA ALA A 43 9.88 5.41 -8.62
C ALA A 43 9.96 6.29 -9.85
N VAL A 44 10.96 6.02 -10.69
CA VAL A 44 10.94 6.48 -12.06
C VAL A 44 10.06 5.52 -12.82
N PHE A 45 9.05 6.07 -13.51
CA PHE A 45 8.23 5.30 -14.45
C PHE A 45 8.77 5.46 -15.84
N CYS A 46 9.02 4.35 -16.52
CA CYS A 46 9.44 4.37 -17.90
C CYS A 46 8.31 3.71 -18.71
N ARG A 47 7.56 4.53 -19.44
CA ARG A 47 6.37 4.09 -20.13
C ARG A 47 6.70 3.83 -21.58
N PHE A 48 6.83 2.56 -21.92
CA PHE A 48 7.11 2.21 -23.32
C PHE A 48 5.90 2.47 -24.21
N ALA A 49 6.16 2.86 -25.47
CA ALA A 49 5.11 3.05 -26.43
C ALA A 49 4.64 1.70 -26.97
N GLY A 50 3.33 1.54 -27.15
CA GLY A 50 2.84 0.41 -27.96
C GLY A 50 2.36 -0.68 -27.01
N CYS A 51 1.27 -1.34 -27.38
CA CYS A 51 0.71 -2.45 -26.63
C CYS A 51 0.30 -3.56 -27.59
N ASN A 52 0.30 -4.82 -27.14
CA ASN A 52 -0.21 -5.90 -28.02
C ASN A 52 -1.71 -6.15 -27.91
N LEU A 53 -2.39 -5.50 -26.94
CA LEU A 53 -3.80 -5.77 -26.73
C LEU A 53 -4.70 -4.60 -27.18
N TRP A 54 -4.08 -3.48 -27.49
CA TRP A 54 -4.84 -2.40 -28.09
C TRP A 54 -3.90 -1.51 -28.86
N SER A 55 -4.36 -1.03 -30.00
CA SER A 55 -3.59 -0.10 -30.83
C SER A 55 -3.37 1.25 -30.12
N GLY A 56 -4.17 1.57 -29.11
CA GLY A 56 -4.10 2.88 -28.46
C GLY A 56 -4.93 3.93 -29.21
N ARG A 57 -5.48 3.53 -30.36
CA ARG A 57 -6.34 4.38 -31.16
C ARG A 57 -7.78 4.27 -30.66
N GLU A 58 -8.43 5.40 -30.38
CA GLU A 58 -9.80 5.36 -29.86
C GLU A 58 -10.79 4.65 -30.78
N GLU A 59 -10.60 4.79 -32.09
CA GLU A 59 -11.41 4.15 -33.13
C GLU A 59 -11.36 2.63 -33.02
N ASP A 60 -10.31 2.12 -32.38
CA ASP A 60 -10.11 0.67 -32.27
C ASP A 60 -10.56 0.16 -30.91
N ARG A 61 -10.79 1.06 -29.97
CA ARG A 61 -11.04 0.62 -28.59
C ARG A 61 -12.22 -0.35 -28.46
N ALA A 62 -13.32 -0.06 -29.17
CA ALA A 62 -14.55 -0.82 -29.04
C ALA A 62 -14.37 -2.27 -29.48
N GLN A 63 -13.35 -2.55 -30.30
CA GLN A 63 -13.12 -3.91 -30.80
C GLN A 63 -11.83 -4.56 -30.28
N ALA A 64 -11.13 -3.89 -29.38
CA ALA A 64 -9.83 -4.36 -28.94
C ALA A 64 -9.93 -5.54 -27.93
N VAL A 65 -8.81 -6.24 -27.73
CA VAL A 65 -8.78 -7.28 -26.71
C VAL A 65 -8.87 -6.64 -25.32
N CYS A 66 -8.12 -5.56 -25.13
CA CYS A 66 -8.19 -4.82 -23.85
C CYS A 66 -8.88 -3.48 -24.12
N ARG A 67 -10.04 -3.25 -23.51
CA ARG A 67 -10.85 -2.10 -23.93
C ARG A 67 -10.98 -0.99 -22.89
N PHE A 68 -10.39 -1.15 -21.71
CA PHE A 68 -10.69 -0.23 -20.61
C PHE A 68 -9.51 0.65 -20.25
N CYS A 69 -8.45 0.59 -21.05
CA CYS A 69 -7.18 1.24 -20.72
C CYS A 69 -7.37 2.71 -20.38
N ASP A 70 -6.71 3.17 -19.30
CA ASP A 70 -6.76 4.56 -18.85
C ASP A 70 -5.56 5.37 -19.35
N THR A 71 -4.75 4.80 -20.25
CA THR A 71 -3.40 5.34 -20.51
C THR A 71 -3.17 5.71 -21.98
N ASP A 72 -2.42 6.79 -22.19
CA ASP A 72 -1.94 7.19 -23.52
C ASP A 72 -0.54 6.63 -23.71
N PHE A 73 -0.40 5.62 -24.58
CA PHE A 73 0.89 5.02 -24.79
C PHE A 73 1.29 5.10 -26.27
N VAL A 74 0.64 5.97 -27.04
CA VAL A 74 0.96 6.14 -28.47
C VAL A 74 2.06 7.18 -28.72
N GLY A 75 3.10 6.79 -29.44
CA GLY A 75 4.10 7.74 -29.86
C GLY A 75 5.16 7.95 -28.78
N THR A 76 6.12 8.82 -29.07
CA THR A 76 7.27 9.05 -28.22
C THR A 76 7.37 10.53 -27.90
N ASP A 77 6.20 11.15 -27.72
CA ASP A 77 6.08 12.60 -27.60
C ASP A 77 5.77 13.11 -26.18
N GLY A 78 5.80 12.22 -25.19
CA GLY A 78 5.58 12.64 -23.81
C GLY A 78 6.85 13.14 -23.14
N GLU A 79 6.74 13.49 -21.85
CA GLU A 79 7.87 14.04 -21.11
C GLU A 79 9.04 13.06 -21.10
N ASN A 80 10.19 13.52 -21.60
CA ASN A 80 11.40 12.71 -21.81
C ASN A 80 11.23 11.56 -22.78
N GLY A 81 10.09 11.51 -23.48
CA GLY A 81 9.88 10.43 -24.42
C GLY A 81 10.78 10.59 -25.63
N GLY A 82 11.01 9.49 -26.34
CA GLY A 82 11.78 9.53 -27.57
C GLY A 82 12.15 8.13 -28.02
N LYS A 83 12.89 8.05 -29.11
CA LYS A 83 13.45 6.79 -29.57
C LYS A 83 14.88 6.67 -29.06
N PHE A 84 15.12 5.77 -28.13
CA PHE A 84 16.44 5.68 -27.54
C PHE A 84 17.36 4.70 -28.28
N LYS A 85 18.56 5.16 -28.58
CA LYS A 85 19.44 4.39 -29.47
C LYS A 85 19.86 3.08 -28.85
N ASP A 86 20.04 3.06 -27.54
CA ASP A 86 20.47 1.85 -26.87
C ASP A 86 20.13 1.93 -25.40
N ALA A 87 20.44 0.88 -24.66
CA ALA A 87 20.08 0.77 -23.25
C ALA A 87 20.75 1.87 -22.43
N ASP A 88 22.03 2.10 -22.72
CA ASP A 88 22.81 3.08 -21.99
C ASP A 88 22.13 4.44 -22.06
N ALA A 89 21.67 4.82 -23.26
CA ALA A 89 20.96 6.09 -23.44
C ALA A 89 19.72 6.17 -22.55
N LEU A 90 18.92 5.12 -22.58
CA LEU A 90 17.69 5.08 -21.82
C LEU A 90 17.99 5.12 -20.30
N VAL A 91 18.95 4.31 -19.86
CA VAL A 91 19.29 4.27 -18.45
C VAL A 91 19.78 5.66 -18.00
N ALA A 92 20.45 6.37 -18.90
CA ALA A 92 21.01 7.68 -18.58
C ALA A 92 19.92 8.65 -18.19
N THR A 93 18.86 8.66 -18.99
CA THR A 93 17.72 9.53 -18.77
C THR A 93 16.93 9.12 -17.52
N ILE A 94 16.75 7.82 -17.31
CA ILE A 94 16.09 7.33 -16.11
C ILE A 94 16.90 7.73 -14.86
N ALA A 95 18.20 7.51 -14.88
CA ALA A 95 19.03 7.84 -13.72
C ALA A 95 19.02 9.33 -13.41
N GLY A 96 18.98 10.15 -14.46
CA GLY A 96 19.00 11.60 -14.29
C GLY A 96 17.80 12.16 -13.57
N LEU A 97 16.72 11.38 -13.50
CA LEU A 97 15.53 11.82 -12.78
C LEU A 97 15.61 11.49 -11.28
N TRP A 98 16.61 10.70 -10.87
CA TRP A 98 16.66 10.30 -9.47
C TRP A 98 17.31 11.43 -8.66
N PRO A 99 16.87 11.64 -7.42
CA PRO A 99 17.49 12.70 -6.60
C PRO A 99 18.98 12.45 -6.43
N ALA A 100 19.77 13.51 -6.61
CA ALA A 100 21.20 13.40 -6.47
C ALA A 100 21.58 12.89 -5.09
N GLY A 101 22.48 11.92 -5.06
CA GLY A 101 23.02 11.44 -3.81
C GLY A 101 22.12 10.50 -3.02
N GLU A 102 20.95 10.18 -3.58
CA GLU A 102 20.05 9.27 -2.87
C GLU A 102 20.11 7.88 -3.45
N ALA A 103 20.00 6.87 -2.61
CA ALA A 103 19.91 5.49 -3.10
C ALA A 103 18.47 5.03 -3.23
N HIS A 104 18.22 3.74 -3.00
CA HIS A 104 16.89 3.14 -3.17
C HIS A 104 16.31 3.33 -4.56
N ARG A 105 17.19 3.43 -5.56
CA ARG A 105 16.72 3.58 -6.94
C ARG A 105 15.78 2.47 -7.39
N PHE A 106 14.68 2.89 -8.03
CA PHE A 106 13.59 1.98 -8.35
C PHE A 106 12.91 2.50 -9.62
N VAL A 107 12.70 1.60 -10.56
CA VAL A 107 12.12 1.98 -11.84
C VAL A 107 10.96 1.02 -12.10
N VAL A 108 9.84 1.57 -12.54
CA VAL A 108 8.71 0.78 -12.94
C VAL A 108 8.62 0.85 -14.47
N CYS A 109 8.87 -0.28 -15.13
CA CYS A 109 8.70 -0.37 -16.57
C CYS A 109 7.24 -0.70 -16.89
N THR A 110 6.62 0.16 -17.69
CA THR A 110 5.20 0.02 -17.97
C THR A 110 4.99 0.46 -19.43
N GLY A 111 3.79 0.87 -19.80
CA GLY A 111 3.50 1.26 -21.18
C GLY A 111 2.02 1.52 -21.21
N GLY A 112 1.31 1.00 -22.24
CA GLY A 112 1.89 0.13 -23.25
C GLY A 112 2.16 -1.23 -22.62
N GLU A 113 2.68 -2.17 -23.40
CA GLU A 113 3.08 -3.44 -22.83
C GLU A 113 4.60 -3.51 -22.81
N PRO A 114 5.19 -3.33 -21.62
CA PRO A 114 6.66 -3.23 -21.58
C PRO A 114 7.35 -4.46 -22.14
N MET A 115 6.75 -5.66 -22.06
CA MET A 115 7.48 -6.85 -22.55
C MET A 115 7.62 -6.91 -24.05
N LEU A 116 6.97 -6.00 -24.78
CA LEU A 116 7.28 -5.89 -26.20
C LEU A 116 8.70 -5.38 -26.42
N GLN A 117 9.29 -4.70 -25.44
CA GLN A 117 10.58 -4.03 -25.69
C GLN A 117 11.62 -4.26 -24.59
N LEU A 118 11.17 -4.51 -23.37
CA LEU A 118 12.12 -4.65 -22.26
C LEU A 118 12.96 -5.89 -22.48
N ASP A 119 14.26 -5.72 -22.58
CA ASP A 119 15.11 -6.88 -22.89
C ASP A 119 16.23 -7.04 -21.87
N GLN A 120 16.98 -8.14 -21.95
CA GLN A 120 18.03 -8.38 -20.98
C GLN A 120 19.11 -7.28 -20.93
N PRO A 121 19.54 -6.75 -22.10
CA PRO A 121 20.49 -5.63 -21.99
C PRO A 121 19.97 -4.45 -21.16
N LEU A 122 18.70 -4.12 -21.29
CA LEU A 122 18.20 -2.97 -20.56
C LEU A 122 18.12 -3.31 -19.07
N VAL A 123 17.65 -4.53 -18.80
CA VAL A 123 17.64 -5.03 -17.43
C VAL A 123 19.03 -5.02 -16.80
N ASP A 124 20.02 -5.50 -17.56
CA ASP A 124 21.40 -5.52 -17.09
C ASP A 124 21.94 -4.10 -16.86
N ALA A 125 21.64 -3.15 -17.74
CA ALA A 125 22.14 -1.79 -17.53
C ALA A 125 21.42 -1.04 -16.37
N LEU A 126 20.13 -1.30 -16.19
CA LEU A 126 19.44 -0.68 -15.05
C LEU A 126 20.03 -1.21 -13.75
N HIS A 127 20.25 -2.52 -13.74
CA HIS A 127 20.85 -3.15 -12.58
C HIS A 127 22.26 -2.63 -12.30
N ALA A 128 23.02 -2.39 -13.35
CA ALA A 128 24.37 -1.87 -13.19
C ALA A 128 24.35 -0.46 -12.61
N ALA A 129 23.27 0.27 -12.88
CA ALA A 129 23.13 1.66 -12.40
C ALA A 129 22.48 1.74 -11.01
N GLY A 130 22.32 0.57 -10.37
CA GLY A 130 21.82 0.51 -9.02
C GLY A 130 20.30 0.53 -8.91
N PHE A 131 19.58 0.31 -10.01
CA PHE A 131 18.12 0.25 -9.95
C PHE A 131 17.56 -1.13 -9.64
N GLY A 132 16.59 -1.15 -8.73
CA GLY A 132 15.64 -2.24 -8.60
C GLY A 132 14.62 -2.03 -9.71
N ILE A 133 14.14 -3.12 -10.28
CA ILE A 133 13.28 -3.03 -11.43
C ILE A 133 11.96 -3.73 -11.23
N ALA A 134 10.88 -2.99 -11.46
CA ALA A 134 9.54 -3.55 -11.44
C ALA A 134 8.99 -3.51 -12.83
N ILE A 135 8.05 -4.41 -13.13
CA ILE A 135 7.31 -4.29 -14.37
C ILE A 135 5.79 -4.28 -14.10
N GLU A 136 5.06 -3.55 -14.95
CA GLU A 136 3.60 -3.61 -15.05
C GLU A 136 3.28 -4.30 -16.38
N THR A 137 2.79 -5.53 -16.32
CA THR A 137 2.63 -6.32 -17.56
C THR A 137 1.26 -7.00 -17.59
N ASN A 138 0.71 -7.12 -18.78
CA ASN A 138 -0.63 -7.69 -18.92
C ASN A 138 -0.58 -9.23 -18.85
N GLY A 139 0.62 -9.81 -18.82
CA GLY A 139 0.78 -11.23 -18.61
C GLY A 139 0.60 -12.11 -19.85
N SER A 140 0.40 -11.49 -21.01
CA SER A 140 0.16 -12.25 -22.22
C SER A 140 1.47 -12.59 -22.90
N LEU A 141 2.58 -12.09 -22.35
CA LEU A 141 3.89 -12.29 -22.97
C LEU A 141 4.91 -12.77 -21.92
N PRO A 142 5.91 -13.56 -22.33
CA PRO A 142 6.87 -14.03 -21.34
C PRO A 142 7.59 -12.84 -20.71
N VAL A 143 7.94 -12.95 -19.44
CA VAL A 143 8.67 -11.87 -18.80
CA VAL A 143 8.64 -11.89 -18.73
C VAL A 143 10.08 -12.34 -18.46
N LEU A 144 11.01 -11.41 -18.25
CA LEU A 144 12.37 -11.81 -17.90
C LEU A 144 12.42 -12.11 -16.40
N GLU A 145 12.95 -13.26 -16.00
CA GLU A 145 12.92 -13.58 -14.57
C GLU A 145 13.95 -12.77 -13.72
N SER A 146 14.92 -12.13 -14.35
CA SER A 146 15.82 -11.24 -13.61
C SER A 146 15.18 -9.90 -13.17
N ILE A 147 13.97 -9.60 -13.66
CA ILE A 147 13.22 -8.43 -13.17
C ILE A 147 12.89 -8.62 -11.69
N ASP A 148 13.14 -7.60 -10.85
CA ASP A 148 13.00 -7.77 -9.41
C ASP A 148 11.56 -7.87 -8.90
N TRP A 149 10.64 -7.19 -9.56
CA TRP A 149 9.27 -7.12 -9.05
C TRP A 149 8.34 -7.28 -10.21
N ILE A 150 7.61 -8.39 -10.25
CA ILE A 150 6.75 -8.66 -11.38
C ILE A 150 5.30 -8.56 -10.98
N CYS A 151 4.63 -7.59 -11.60
CA CYS A 151 3.21 -7.31 -11.38
C CYS A 151 2.46 -7.66 -12.65
N VAL A 152 1.53 -8.59 -12.55
CA VAL A 152 0.80 -9.09 -13.68
C VAL A 152 -0.65 -8.68 -13.52
N SER A 153 -1.20 -8.03 -14.53
CA SER A 153 -2.60 -7.58 -14.50
C SER A 153 -3.33 -8.22 -15.71
N PRO A 154 -3.92 -9.39 -15.48
CA PRO A 154 -4.45 -10.21 -16.58
C PRO A 154 -5.71 -9.62 -17.18
N LYS A 155 -5.81 -9.71 -18.51
CA LYS A 155 -6.99 -9.23 -19.19
C LYS A 155 -7.83 -10.44 -19.55
N ALA A 156 -9.10 -10.35 -19.28
CA ALA A 156 -9.99 -11.49 -19.34
C ALA A 156 -10.04 -12.14 -20.70
N ASP A 157 -9.87 -11.38 -21.77
CA ASP A 157 -9.95 -11.97 -23.13
C ASP A 157 -8.61 -12.08 -23.85
N ALA A 158 -7.52 -12.12 -23.09
CA ALA A 158 -6.16 -12.38 -23.60
C ALA A 158 -5.58 -13.65 -22.99
N PRO A 159 -4.59 -14.29 -23.64
CA PRO A 159 -3.92 -15.42 -23.01
C PRO A 159 -3.19 -14.93 -21.75
N LEU A 160 -3.09 -15.78 -20.73
CA LEU A 160 -2.27 -15.48 -19.56
C LEU A 160 -1.15 -16.50 -19.56
N VAL A 161 0.06 -16.08 -19.93
CA VAL A 161 1.17 -17.03 -19.97
C VAL A 161 2.08 -16.83 -18.77
N VAL A 162 1.93 -15.71 -18.05
CA VAL A 162 2.79 -15.48 -16.89
C VAL A 162 2.02 -15.88 -15.63
N THR A 163 2.32 -17.04 -15.05
CA THR A 163 1.46 -17.55 -14.00
C THR A 163 2.19 -17.61 -12.67
N LYS A 164 3.30 -16.88 -12.60
CA LYS A 164 3.98 -16.71 -11.33
C LYS A 164 4.57 -15.34 -11.31
N GLY A 165 4.76 -14.78 -10.11
CA GLY A 165 5.32 -13.45 -10.03
C GLY A 165 5.13 -12.93 -8.60
N ASN A 166 5.31 -11.63 -8.42
CA ASN A 166 5.24 -11.11 -7.09
C ASN A 166 3.81 -10.73 -6.76
N GLU A 167 3.15 -9.99 -7.65
CA GLU A 167 1.77 -9.65 -7.39
C GLU A 167 0.93 -9.85 -8.64
N LEU A 168 -0.27 -10.39 -8.43
CA LEU A 168 -1.27 -10.51 -9.49
C LEU A 168 -2.36 -9.46 -9.17
N LYS A 169 -2.45 -8.44 -10.01
CA LYS A 169 -3.27 -7.28 -9.71
C LYS A 169 -4.36 -7.20 -10.74
N VAL A 170 -5.54 -7.69 -10.36
CA VAL A 170 -6.63 -7.94 -11.32
C VAL A 170 -7.57 -6.76 -11.35
N VAL A 171 -7.74 -6.13 -12.51
CA VAL A 171 -8.71 -5.01 -12.60
C VAL A 171 -10.13 -5.59 -12.68
N ILE A 172 -11.05 -5.09 -11.84
CA ILE A 172 -12.40 -5.65 -11.83
C ILE A 172 -13.43 -4.55 -11.87
N PRO A 173 -14.62 -4.84 -12.43
CA PRO A 173 -15.01 -6.12 -13.04
C PRO A 173 -14.67 -6.15 -14.51
N GLN A 174 -14.37 -7.33 -15.05
CA GLN A 174 -14.27 -7.52 -16.51
C GLN A 174 -15.24 -8.62 -16.86
N ASP A 175 -15.96 -8.51 -17.98
CA ASP A 175 -16.81 -9.69 -18.34
CA ASP A 175 -16.74 -9.57 -18.62
C ASP A 175 -15.87 -10.86 -18.68
N ASN A 176 -16.43 -12.06 -18.48
CA ASN A 176 -15.76 -13.35 -18.73
C ASN A 176 -14.71 -13.68 -17.69
N GLN A 177 -14.66 -12.91 -16.62
CA GLN A 177 -13.61 -13.10 -15.64
C GLN A 177 -13.86 -14.30 -14.73
N ARG A 178 -12.80 -15.06 -14.48
CA ARG A 178 -12.78 -16.16 -13.55
C ARG A 178 -11.84 -15.78 -12.40
N LEU A 179 -12.41 -15.06 -11.44
CA LEU A 179 -11.59 -14.36 -10.48
C LEU A 179 -11.02 -15.33 -9.43
N ALA A 180 -11.84 -16.21 -8.90
CA ALA A 180 -11.30 -17.14 -7.90
C ALA A 180 -10.21 -18.09 -8.47
N ASP A 181 -10.31 -18.50 -9.73
CA ASP A 181 -9.24 -19.27 -10.36
C ASP A 181 -7.88 -18.55 -10.27
N TYR A 182 -7.87 -17.23 -10.37
CA TYR A 182 -6.60 -16.49 -10.38
C TYR A 182 -5.84 -16.74 -9.08
N ALA A 183 -6.59 -16.97 -7.98
CA ALA A 183 -5.95 -17.14 -6.68
C ALA A 183 -5.22 -18.46 -6.58
N LYS A 184 -5.37 -19.31 -7.60
CA LYS A 184 -4.62 -20.57 -7.59
C LYS A 184 -3.21 -20.39 -8.15
N LEU A 185 -2.90 -19.21 -8.68
CA LEU A 185 -1.61 -19.04 -9.37
C LEU A 185 -0.46 -18.74 -8.37
N ASP A 186 0.77 -18.74 -8.87
CA ASP A 186 1.95 -18.69 -8.00
C ASP A 186 2.45 -17.25 -7.81
N PHE A 187 1.71 -16.47 -7.01
CA PHE A 187 2.02 -15.06 -6.70
C PHE A 187 2.07 -14.85 -5.18
N GLU A 188 2.86 -13.87 -4.73
CA GLU A 188 2.95 -13.51 -3.32
C GLU A 188 1.69 -12.75 -2.90
N TYR A 189 1.26 -11.85 -3.76
CA TYR A 189 0.08 -11.00 -3.48
C TYR A 189 -0.98 -11.12 -4.55
N PHE A 190 -2.25 -11.13 -4.11
CA PHE A 190 -3.42 -11.19 -4.98
C PHE A 190 -4.24 -9.95 -4.73
N LEU A 191 -4.36 -9.08 -5.74
CA LEU A 191 -5.01 -7.79 -5.52
C LEU A 191 -6.14 -7.59 -6.54
N VAL A 192 -7.21 -6.90 -6.12
CA VAL A 192 -8.20 -6.43 -7.08
C VAL A 192 -8.11 -4.91 -7.11
N GLN A 193 -8.13 -4.38 -8.32
CA GLN A 193 -8.07 -2.93 -8.54
C GLN A 193 -9.36 -2.48 -9.22
N PRO A 194 -10.05 -1.48 -8.66
CA PRO A 194 -11.32 -1.12 -9.32
C PRO A 194 -11.09 -0.49 -10.68
N MET A 195 -11.94 -0.85 -11.64
CA MET A 195 -11.83 -0.28 -12.98
C MET A 195 -12.29 1.16 -12.97
N ASP A 196 -11.39 2.06 -13.40
CA ASP A 196 -11.75 3.47 -13.48
C ASP A 196 -12.54 3.66 -14.77
N GLY A 197 -13.37 4.70 -14.79
CA GLY A 197 -14.29 4.93 -15.89
C GLY A 197 -15.54 5.48 -15.23
N PRO A 198 -16.68 5.47 -15.93
CA PRO A 198 -17.91 6.05 -15.37
C PRO A 198 -18.43 5.34 -14.12
N SER A 199 -17.97 4.13 -13.84
CA SER A 199 -18.45 3.36 -12.68
C SER A 199 -17.40 3.14 -11.59
N ARG A 200 -16.39 4.00 -11.50
CA ARG A 200 -15.30 3.78 -10.55
C ARG A 200 -15.78 3.54 -9.09
N ASP A 201 -16.71 4.38 -8.64
CA ASP A 201 -17.17 4.25 -7.25
C ASP A 201 -17.92 2.94 -7.01
N LEU A 202 -18.76 2.56 -7.95
CA LEU A 202 -19.43 1.29 -7.91
C LEU A 202 -18.41 0.17 -7.85
N ASN A 203 -17.46 0.23 -8.78
CA ASN A 203 -16.44 -0.79 -8.89
C ASN A 203 -15.56 -0.84 -7.63
N THR A 204 -15.31 0.30 -7.04
CA THR A 204 -14.56 0.32 -5.80
C THR A 204 -15.34 -0.40 -4.69
N LYS A 205 -16.64 -0.17 -4.58
CA LYS A 205 -17.41 -0.91 -3.57
C LYS A 205 -17.42 -2.41 -3.83
N LEU A 206 -17.52 -2.80 -5.10
CA LEU A 206 -17.49 -4.25 -5.45
C LEU A 206 -16.17 -4.88 -5.01
N ALA A 207 -15.09 -4.12 -5.21
CA ALA A 207 -13.75 -4.64 -4.94
C ALA A 207 -13.52 -4.77 -3.43
N ILE A 208 -13.96 -3.77 -2.68
CA ILE A 208 -13.86 -3.86 -1.22
C ILE A 208 -14.62 -5.10 -0.76
N ASP A 209 -15.84 -5.26 -1.26
CA ASP A 209 -16.66 -6.39 -0.86
C ASP A 209 -16.01 -7.72 -1.22
N TRP A 210 -15.40 -7.79 -2.40
CA TRP A 210 -14.75 -9.04 -2.82
C TRP A 210 -13.65 -9.43 -1.82
N CYS A 211 -12.87 -8.47 -1.40
CA CYS A 211 -11.76 -8.74 -0.49
C CYS A 211 -12.29 -9.14 0.87
N LYS A 212 -13.30 -8.45 1.37
CA LYS A 212 -13.86 -8.82 2.66
C LYS A 212 -14.49 -10.22 2.65
N ARG A 213 -15.05 -10.65 1.53
CA ARG A 213 -15.60 -11.98 1.47
C ARG A 213 -14.52 -13.05 1.27
N HIS A 214 -13.46 -12.67 0.56
CA HIS A 214 -12.43 -13.63 0.13
C HIS A 214 -11.06 -13.01 0.46
N PRO A 215 -10.67 -13.07 1.73
CA PRO A 215 -9.56 -12.20 2.15
C PRO A 215 -8.15 -12.72 1.80
N GLN A 216 -8.04 -13.74 0.95
CA GLN A 216 -6.78 -13.96 0.25
C GLN A 216 -6.45 -12.71 -0.56
N TRP A 217 -7.51 -12.01 -1.00
CA TRP A 217 -7.39 -10.83 -1.86
C TRP A 217 -7.28 -9.54 -1.06
N ARG A 218 -6.48 -8.62 -1.56
CA ARG A 218 -6.33 -7.29 -0.98
CA ARG A 218 -6.40 -7.28 -0.96
C ARG A 218 -6.65 -6.23 -2.02
N LEU A 219 -7.04 -5.03 -1.58
CA LEU A 219 -7.39 -3.98 -2.51
C LEU A 219 -6.21 -3.18 -3.02
N SER A 220 -6.17 -2.92 -4.32
CA SER A 220 -5.22 -1.99 -4.90
C SER A 220 -5.99 -0.78 -5.41
N MET A 221 -5.92 0.34 -4.71
CA MET A 221 -6.45 1.58 -5.20
C MET A 221 -5.49 2.25 -6.13
N GLN A 222 -6.01 3.06 -7.05
CA GLN A 222 -5.12 3.86 -7.88
C GLN A 222 -4.84 5.15 -7.13
N THR A 223 -3.91 5.09 -6.17
CA THR A 223 -3.83 6.20 -5.21
C THR A 223 -3.38 7.49 -5.86
N HIS A 224 -2.64 7.41 -6.95
CA HIS A 224 -2.18 8.63 -7.62
C HIS A 224 -3.34 9.47 -8.16
N LYS A 225 -4.45 8.82 -8.48
CA LYS A 225 -5.63 9.55 -8.91
C LYS A 225 -6.32 10.28 -7.73
N TYR A 226 -6.17 9.76 -6.52
CA TYR A 226 -6.71 10.42 -5.36
C TYR A 226 -5.79 11.54 -4.89
N LEU A 227 -4.49 11.31 -5.04
CA LEU A 227 -3.47 12.30 -4.68
C LEU A 227 -3.35 13.39 -5.73
N ASN A 228 -3.87 13.12 -6.92
CA ASN A 228 -3.68 13.96 -8.11
CA ASN A 228 -3.68 13.96 -8.11
C ASN A 228 -2.20 14.18 -8.43
N ILE A 229 -1.47 13.08 -8.60
CA ILE A 229 -0.07 13.16 -8.99
C ILE A 229 0.08 12.26 -10.21
N PRO A 230 1.14 12.48 -11.01
CA PRO A 230 1.28 11.64 -12.21
C PRO A 230 1.46 10.17 -11.84
N THR B 22 -8.36 -9.38 31.94
CA THR B 22 -9.46 -8.46 31.61
C THR B 22 -9.04 -7.33 30.61
N TYR B 23 -9.89 -7.08 29.60
CA TYR B 23 -9.60 -6.13 28.54
C TYR B 23 -10.72 -5.10 28.37
N ALA B 24 -10.37 -3.82 28.26
CA ALA B 24 -11.35 -2.77 27.97
C ALA B 24 -11.27 -2.39 26.51
N VAL B 25 -12.32 -2.70 25.75
CA VAL B 25 -12.28 -2.57 24.29
C VAL B 25 -13.32 -1.58 23.80
N LYS B 26 -12.87 -0.58 23.06
CA LYS B 26 -13.74 0.47 22.57
C LYS B 26 -14.65 -0.08 21.46
N GLU B 27 -14.05 -0.75 20.48
CA GLU B 27 -14.84 -1.29 19.40
C GLU B 27 -14.06 -2.38 18.71
N ILE B 28 -14.76 -3.28 18.00
CA ILE B 28 -14.13 -4.30 17.17
C ILE B 28 -14.90 -4.32 15.86
N PHE B 29 -14.19 -4.20 14.74
CA PHE B 29 -14.87 -4.11 13.45
C PHE B 29 -14.03 -4.75 12.35
N TYR B 30 -14.71 -5.16 11.29
CA TYR B 30 -14.04 -5.86 10.19
C TYR B 30 -13.98 -4.94 8.97
N THR B 31 -12.79 -4.70 8.44
CA THR B 31 -12.67 -3.73 7.34
C THR B 31 -11.37 -4.02 6.57
N LEU B 32 -10.92 -3.09 5.72
CA LEU B 32 -9.55 -3.22 5.16
C LEU B 32 -8.64 -2.30 5.97
N GLN B 33 -7.44 -2.77 6.29
CA GLN B 33 -6.37 -1.90 6.81
C GLN B 33 -6.17 -0.73 5.83
N GLY B 34 -6.33 0.51 6.31
CA GLY B 34 -6.22 1.68 5.45
C GLY B 34 -4.80 2.21 5.27
N GLU B 35 -3.89 1.75 6.13
CA GLU B 35 -2.59 2.43 6.33
C GLU B 35 -1.40 1.48 6.25
N GLY B 36 -0.22 2.05 5.95
CA GLY B 36 1.03 1.33 6.05
C GLY B 36 1.23 0.31 4.93
N ALA B 37 2.18 -0.60 5.13
CA ALA B 37 2.53 -1.55 4.07
C ALA B 37 1.39 -2.54 3.82
N ASN B 38 0.54 -2.76 4.82
CA ASN B 38 -0.58 -3.71 4.69
C ASN B 38 -1.88 -3.04 4.21
N ALA B 39 -1.80 -1.79 3.75
CA ALA B 39 -2.99 -1.10 3.26
C ALA B 39 -3.70 -1.96 2.22
N GLY B 40 -5.03 -2.07 2.33
CA GLY B 40 -5.82 -2.85 1.35
C GLY B 40 -6.16 -4.22 1.89
N ARG B 41 -5.46 -4.66 2.94
CA ARG B 41 -5.66 -6.01 3.48
C ARG B 41 -6.84 -6.13 4.43
N PRO B 42 -7.72 -7.14 4.20
CA PRO B 42 -8.82 -7.37 5.15
C PRO B 42 -8.31 -7.64 6.56
N ALA B 43 -8.91 -7.01 7.55
CA ALA B 43 -8.43 -7.19 8.91
C ALA B 43 -9.56 -6.99 9.89
N VAL B 44 -9.53 -7.71 11.00
CA VAL B 44 -10.35 -7.31 12.14
C VAL B 44 -9.54 -6.31 12.94
N PHE B 45 -10.14 -5.16 13.23
CA PHE B 45 -9.54 -4.12 14.05
C PHE B 45 -10.08 -4.23 15.47
N CYS B 46 -9.17 -4.37 16.43
CA CYS B 46 -9.56 -4.43 17.83
C CYS B 46 -9.04 -3.18 18.48
N ARG B 47 -9.93 -2.25 18.79
CA ARG B 47 -9.53 -0.94 19.32
C ARG B 47 -9.68 -0.90 20.83
N PHE B 48 -8.55 -0.98 21.52
CA PHE B 48 -8.53 -0.94 22.98
C PHE B 48 -8.83 0.47 23.42
N ALA B 49 -9.56 0.58 24.52
CA ALA B 49 -9.86 1.88 25.12
C ALA B 49 -8.63 2.40 25.88
N GLY B 50 -8.37 3.70 25.83
CA GLY B 50 -7.36 4.30 26.68
C GLY B 50 -6.00 4.43 25.99
N CYS B 51 -5.34 5.56 26.28
CA CYS B 51 -4.03 5.88 25.74
C CYS B 51 -3.18 6.52 26.82
N ASN B 52 -1.85 6.38 26.70
CA ASN B 52 -0.98 7.01 27.70
C ASN B 52 -0.50 8.39 27.28
N LEU B 53 -0.79 8.82 26.04
CA LEU B 53 -0.30 10.12 25.60
C LEU B 53 -1.41 11.17 25.50
N TRP B 54 -2.64 10.74 25.70
CA TRP B 54 -3.80 11.65 25.80
C TRP B 54 -4.94 10.95 26.54
N SER B 55 -5.70 11.70 27.29
CA SER B 55 -6.88 11.19 27.99
C SER B 55 -8.04 10.91 27.04
N GLY B 56 -8.00 11.46 25.83
CA GLY B 56 -9.14 11.35 24.95
C GLY B 56 -10.20 12.46 25.20
N ARG B 57 -10.02 13.31 26.20
CA ARG B 57 -10.94 14.43 26.36
C ARG B 57 -10.44 15.65 25.62
N GLU B 58 -11.34 16.30 24.88
CA GLU B 58 -11.04 17.54 24.15
C GLU B 58 -10.46 18.67 25.02
N GLU B 59 -10.96 18.87 26.23
CA GLU B 59 -10.42 19.91 27.08
C GLU B 59 -8.96 19.67 27.47
N ASP B 60 -8.50 18.43 27.30
CA ASP B 60 -7.13 18.04 27.62
C ASP B 60 -6.21 18.05 26.38
N ARG B 61 -6.80 18.17 25.20
CA ARG B 61 -6.04 17.91 23.98
C ARG B 61 -4.86 18.88 23.83
N ALA B 62 -5.09 20.15 24.12
CA ALA B 62 -4.08 21.16 23.86
C ALA B 62 -2.86 20.99 24.78
N GLN B 63 -3.02 20.29 25.89
CA GLN B 63 -1.91 20.12 26.82
C GLN B 63 -1.38 18.67 26.84
N ALA B 64 -1.85 17.86 25.93
CA ALA B 64 -1.54 16.43 25.94
C ALA B 64 -0.17 16.19 25.28
N VAL B 65 0.40 15.02 25.49
CA VAL B 65 1.67 14.70 24.85
C VAL B 65 1.47 14.49 23.34
N CYS B 66 0.41 13.75 22.98
CA CYS B 66 -0.01 13.55 21.59
C CYS B 66 -1.28 14.38 21.35
N ARG B 67 -1.21 15.43 20.54
CA ARG B 67 -2.36 16.34 20.44
C ARG B 67 -3.16 16.26 19.15
N PHE B 68 -2.75 15.40 18.22
CA PHE B 68 -3.35 15.46 16.88
C PHE B 68 -4.30 14.30 16.58
N CYS B 69 -4.61 13.49 17.59
CA CYS B 69 -5.29 12.20 17.40
C CYS B 69 -6.66 12.36 16.70
N ASP B 70 -6.92 11.45 15.75
CA ASP B 70 -8.15 11.42 14.92
CA ASP B 70 -8.14 11.43 14.95
C ASP B 70 -9.19 10.44 15.47
N THR B 71 -8.92 9.85 16.63
CA THR B 71 -9.67 8.67 17.04
C THR B 71 -10.42 8.83 18.36
N ASP B 72 -11.58 8.19 18.47
CA ASP B 72 -12.33 8.11 19.73
C ASP B 72 -12.04 6.77 20.37
N PHE B 73 -11.27 6.79 21.45
CA PHE B 73 -10.89 5.59 22.16
C PHE B 73 -11.36 5.62 23.60
N VAL B 74 -12.34 6.49 23.91
CA VAL B 74 -12.80 6.61 25.27
C VAL B 74 -13.98 5.68 25.50
N GLY B 75 -13.82 4.78 26.47
CA GLY B 75 -14.93 3.97 26.92
C GLY B 75 -15.04 2.69 26.11
N THR B 76 -16.08 1.93 26.40
CA THR B 76 -16.23 0.61 25.80
C THR B 76 -17.60 0.48 25.12
N ASP B 77 -18.03 1.57 24.47
CA ASP B 77 -19.43 1.69 24.01
C ASP B 77 -19.59 1.65 22.49
N GLY B 78 -18.51 1.38 21.77
CA GLY B 78 -18.54 1.28 20.32
C GLY B 78 -19.05 -0.07 19.86
N GLU B 79 -19.06 -0.27 18.54
CA GLU B 79 -19.50 -1.55 17.98
C GLU B 79 -18.69 -2.73 18.52
N ASN B 80 -19.38 -3.71 19.10
CA ASN B 80 -18.74 -4.88 19.72
C ASN B 80 -17.86 -4.52 20.92
N GLY B 81 -17.97 -3.30 21.41
CA GLY B 81 -17.06 -2.84 22.45
C GLY B 81 -17.52 -3.41 23.77
N GLY B 82 -16.64 -3.42 24.76
CA GLY B 82 -17.04 -3.87 26.09
C GLY B 82 -15.84 -4.23 26.97
N LYS B 83 -16.14 -4.71 28.16
CA LYS B 83 -15.10 -5.23 29.02
C LYS B 83 -15.10 -6.73 28.89
N PHE B 84 -14.01 -7.28 28.37
CA PHE B 84 -13.94 -8.71 28.17
C PHE B 84 -13.33 -9.40 29.36
N LYS B 85 -13.97 -10.49 29.78
CA LYS B 85 -13.58 -11.29 30.95
C LYS B 85 -12.17 -11.83 30.83
N ASP B 86 -11.84 -12.38 29.67
CA ASP B 86 -10.54 -13.00 29.47
C ASP B 86 -10.20 -13.01 27.99
N ALA B 87 -9.06 -13.61 27.65
CA ALA B 87 -8.59 -13.61 26.26
C ALA B 87 -9.52 -14.41 25.36
N ASP B 88 -10.03 -15.54 25.87
CA ASP B 88 -10.90 -16.39 25.04
C ASP B 88 -12.17 -15.66 24.62
N ALA B 89 -12.78 -14.91 25.54
CA ALA B 89 -13.97 -14.14 25.17
C ALA B 89 -13.66 -13.11 24.07
N LEU B 90 -12.52 -12.42 24.20
CA LEU B 90 -12.16 -11.41 23.23
C LEU B 90 -11.84 -12.06 21.89
N VAL B 91 -11.07 -13.14 21.93
CA VAL B 91 -10.73 -13.85 20.71
C VAL B 91 -12.01 -14.37 20.03
N ALA B 92 -12.98 -14.81 20.81
CA ALA B 92 -14.23 -15.36 20.26
C ALA B 92 -14.95 -14.31 19.41
N THR B 93 -15.00 -13.09 19.92
CA THR B 93 -15.68 -11.98 19.26
C THR B 93 -14.93 -11.56 18.01
N ILE B 94 -13.61 -11.59 18.09
CA ILE B 94 -12.75 -11.22 16.96
C ILE B 94 -12.90 -12.26 15.83
N ALA B 95 -12.75 -13.54 16.17
CA ALA B 95 -12.91 -14.64 15.23
C ALA B 95 -14.32 -14.61 14.60
N GLY B 96 -15.32 -14.27 15.41
CA GLY B 96 -16.70 -14.22 14.96
C GLY B 96 -16.91 -13.27 13.79
N LEU B 97 -16.05 -12.27 13.66
CA LEU B 97 -16.21 -11.29 12.57
C LEU B 97 -15.61 -11.73 11.23
N TRP B 98 -14.74 -12.74 11.28
CA TRP B 98 -14.11 -13.27 10.07
C TRP B 98 -15.07 -14.09 9.24
N PRO B 99 -14.97 -13.95 7.90
CA PRO B 99 -15.85 -14.78 7.06
C PRO B 99 -15.69 -16.27 7.33
N ALA B 100 -16.81 -16.98 7.48
CA ALA B 100 -16.77 -18.40 7.75
C ALA B 100 -16.05 -19.14 6.64
N GLY B 101 -15.15 -20.05 7.02
CA GLY B 101 -14.50 -20.93 6.06
C GLY B 101 -13.36 -20.28 5.29
N GLU B 102 -13.05 -19.03 5.61
CA GLU B 102 -11.97 -18.33 4.95
C GLU B 102 -10.75 -18.29 5.87
N ALA B 103 -9.55 -18.47 5.33
CA ALA B 103 -8.34 -18.29 6.14
C ALA B 103 -7.76 -16.89 6.02
N HIS B 104 -6.44 -16.78 6.08
CA HIS B 104 -5.76 -15.47 6.03
C HIS B 104 -6.16 -14.55 7.19
N ARG B 105 -6.55 -15.16 8.31
CA ARG B 105 -7.03 -14.38 9.44
C ARG B 105 -5.98 -13.38 9.93
N PHE B 106 -6.43 -12.15 10.14
CA PHE B 106 -5.52 -11.06 10.43
C PHE B 106 -6.21 -10.08 11.34
N VAL B 107 -5.56 -9.75 12.46
CA VAL B 107 -6.13 -8.79 13.41
C VAL B 107 -5.14 -7.66 13.65
N VAL B 108 -5.65 -6.43 13.64
CA VAL B 108 -4.86 -5.25 13.89
C VAL B 108 -5.27 -4.73 15.26
N CYS B 109 -4.35 -4.84 16.22
CA CYS B 109 -4.62 -4.33 17.56
C CYS B 109 -4.25 -2.85 17.64
N THR B 110 -5.20 -2.02 18.03
CA THR B 110 -4.95 -0.59 18.01
C THR B 110 -5.67 0.01 19.21
N GLY B 111 -5.94 1.31 19.15
CA GLY B 111 -6.54 1.98 20.28
C GLY B 111 -6.74 3.45 19.95
N GLY B 112 -6.53 4.35 20.92
CA GLY B 112 -5.87 4.01 22.19
C GLY B 112 -4.45 3.46 21.99
N GLU B 113 -3.74 3.21 23.08
CA GLU B 113 -2.44 2.56 22.93
C GLU B 113 -2.57 1.11 23.29
N PRO B 114 -2.46 0.21 22.30
CA PRO B 114 -2.74 -1.19 22.58
C PRO B 114 -1.74 -1.83 23.55
N MET B 115 -0.52 -1.34 23.66
CA MET B 115 0.40 -1.98 24.59
C MET B 115 0.04 -1.72 26.05
N LEU B 116 -0.94 -0.86 26.33
CA LEU B 116 -1.39 -0.76 27.73
C LEU B 116 -2.10 -2.04 28.18
N GLN B 117 -2.60 -2.83 27.25
CA GLN B 117 -3.47 -3.97 27.57
C GLN B 117 -3.13 -5.28 26.84
N LEU B 118 -2.54 -5.20 25.65
CA LEU B 118 -2.23 -6.42 24.90
C LEU B 118 -1.18 -7.23 25.63
N ASP B 119 -1.48 -8.47 26.02
CA ASP B 119 -0.52 -9.28 26.78
C ASP B 119 -0.27 -10.63 26.13
N GLN B 120 0.69 -11.38 26.65
CA GLN B 120 1.04 -12.66 26.01
C GLN B 120 -0.18 -13.62 25.93
N PRO B 121 -0.97 -13.76 27.01
CA PRO B 121 -2.10 -14.69 26.85
C PRO B 121 -3.06 -14.33 25.69
N LEU B 122 -3.22 -13.04 25.38
CA LEU B 122 -4.11 -12.67 24.30
C LEU B 122 -3.42 -12.96 22.97
N VAL B 123 -2.13 -12.66 22.89
CA VAL B 123 -1.35 -13.00 21.68
C VAL B 123 -1.37 -14.51 21.42
N ASP B 124 -1.14 -15.31 22.46
CA ASP B 124 -1.15 -16.76 22.26
C ASP B 124 -2.54 -17.29 21.83
N ALA B 125 -3.60 -16.78 22.41
CA ALA B 125 -4.95 -17.23 22.05
C ALA B 125 -5.32 -16.77 20.62
N LEU B 126 -4.86 -15.60 20.20
CA LEU B 126 -5.11 -15.18 18.81
C LEU B 126 -4.36 -16.07 17.84
N HIS B 127 -3.10 -16.37 18.15
CA HIS B 127 -2.31 -17.29 17.31
C HIS B 127 -2.95 -18.70 17.24
N ALA B 128 -3.45 -19.20 18.37
CA ALA B 128 -4.04 -20.51 18.41
C ALA B 128 -5.31 -20.56 17.54
N ALA B 129 -5.93 -19.40 17.37
CA ALA B 129 -7.14 -19.26 16.55
C ALA B 129 -6.81 -18.98 15.08
N GLY B 130 -5.53 -19.03 14.76
CA GLY B 130 -5.08 -18.87 13.39
C GLY B 130 -4.93 -17.45 12.88
N PHE B 131 -4.94 -16.46 13.78
CA PHE B 131 -4.73 -15.08 13.37
C PHE B 131 -3.24 -14.69 13.28
N GLY B 132 -2.88 -13.97 12.22
CA GLY B 132 -1.67 -13.17 12.24
C GLY B 132 -2.03 -11.90 12.99
N ILE B 133 -1.09 -11.39 13.79
CA ILE B 133 -1.33 -10.22 14.62
C ILE B 133 -0.48 -9.01 14.23
N ALA B 134 -1.15 -7.89 13.98
CA ALA B 134 -0.48 -6.60 13.80
C ALA B 134 -0.78 -5.73 14.99
N ILE B 135 0.13 -4.80 15.25
CA ILE B 135 -0.18 -3.77 16.21
C ILE B 135 0.07 -2.37 15.60
N GLU B 136 -0.69 -1.40 16.08
CA GLU B 136 -0.46 -0.02 15.78
C GLU B 136 -0.05 0.59 17.12
N THR B 137 1.19 1.01 17.27
CA THR B 137 1.57 1.47 18.60
C THR B 137 2.33 2.81 18.55
N ASN B 138 2.19 3.65 19.59
CA ASN B 138 2.89 4.94 19.53
C ASN B 138 4.42 4.80 19.80
N GLY B 139 4.85 3.62 20.21
CA GLY B 139 6.28 3.37 20.41
C GLY B 139 6.84 3.78 21.76
N SER B 140 5.99 4.28 22.67
CA SER B 140 6.46 4.70 23.96
C SER B 140 6.47 3.55 24.96
N LEU B 141 5.96 2.39 24.59
CA LEU B 141 5.94 1.27 25.52
C LEU B 141 6.57 0.03 24.88
N PRO B 142 7.21 -0.84 25.67
CA PRO B 142 7.78 -2.04 25.05
C PRO B 142 6.71 -2.92 24.42
N VAL B 143 7.06 -3.57 23.31
CA VAL B 143 6.10 -4.41 22.57
C VAL B 143 6.41 -5.89 22.74
N LEU B 144 5.42 -6.73 22.54
CA LEU B 144 5.63 -8.16 22.61
C LEU B 144 6.28 -8.63 21.31
N GLU B 145 7.44 -9.26 21.35
CA GLU B 145 8.18 -9.68 20.16
CA GLU B 145 8.07 -9.50 20.06
C GLU B 145 7.45 -10.73 19.33
N SER B 146 6.51 -11.43 19.96
CA SER B 146 5.77 -12.49 19.27
C SER B 146 4.63 -11.94 18.38
N ILE B 147 4.42 -10.63 18.44
CA ILE B 147 3.46 -9.99 17.52
C ILE B 147 4.02 -10.09 16.12
N ASP B 148 3.20 -10.42 15.12
CA ASP B 148 3.73 -10.69 13.79
C ASP B 148 4.12 -9.47 13.00
N TRP B 149 3.32 -8.41 13.13
CA TRP B 149 3.56 -7.17 12.38
C TRP B 149 3.57 -6.00 13.31
N ILE B 150 4.72 -5.36 13.45
CA ILE B 150 4.83 -4.25 14.40
C ILE B 150 4.91 -2.93 13.63
N CYS B 151 3.88 -2.09 13.76
CA CYS B 151 3.88 -0.75 13.19
C CYS B 151 4.08 0.26 14.35
N VAL B 152 5.11 1.08 14.27
CA VAL B 152 5.42 2.10 15.30
C VAL B 152 5.18 3.48 14.70
N SER B 153 4.38 4.31 15.38
CA SER B 153 4.14 5.67 14.90
C SER B 153 4.56 6.66 15.99
N PRO B 154 5.81 7.15 15.93
CA PRO B 154 6.39 7.93 17.04
C PRO B 154 5.79 9.30 17.13
N LYS B 155 5.58 9.74 18.37
CA LYS B 155 4.97 11.04 18.61
C LYS B 155 6.11 11.92 19.07
N ALA B 156 6.29 13.07 18.44
CA ALA B 156 7.57 13.78 18.56
C ALA B 156 7.91 14.23 19.98
N ASP B 157 6.91 14.36 20.82
CA ASP B 157 7.17 14.86 22.18
C ASP B 157 7.11 13.75 23.26
N ALA B 158 7.01 12.50 22.84
CA ALA B 158 6.97 11.33 23.72
C ALA B 158 8.28 10.58 23.58
N PRO B 159 8.61 9.72 24.54
CA PRO B 159 9.79 8.89 24.31
C PRO B 159 9.54 7.91 23.23
N LEU B 160 10.62 7.48 22.56
CA LEU B 160 10.50 6.37 21.60
C LEU B 160 11.36 5.25 22.11
N VAL B 161 10.73 4.22 22.67
CA VAL B 161 11.50 3.12 23.22
C VAL B 161 11.45 1.89 22.32
N VAL B 162 10.60 1.90 21.29
CA VAL B 162 10.59 0.78 20.36
C VAL B 162 11.33 1.20 19.09
N THR B 163 12.54 0.70 18.89
CA THR B 163 13.38 1.23 17.85
C THR B 163 13.65 0.14 16.77
N LYS B 164 12.87 -0.93 16.81
CA LYS B 164 12.92 -1.93 15.75
C LYS B 164 11.54 -2.50 15.52
N GLY B 165 11.24 -2.85 14.29
CA GLY B 165 9.91 -3.33 14.01
C GLY B 165 9.78 -3.53 12.52
N ASN B 166 8.55 -3.72 12.05
CA ASN B 166 8.36 -3.98 10.64
C ASN B 166 8.23 -2.64 9.90
N GLU B 167 7.39 -1.73 10.41
CA GLU B 167 7.28 -0.45 9.71
C GLU B 167 7.28 0.67 10.74
N LEU B 168 7.99 1.75 10.41
CA LEU B 168 7.99 2.98 11.21
C LEU B 168 7.13 3.97 10.41
N LYS B 169 5.94 4.30 10.91
CA LYS B 169 4.98 5.09 10.10
C LYS B 169 4.81 6.44 10.79
N VAL B 170 5.52 7.46 10.30
CA VAL B 170 5.63 8.73 11.02
C VAL B 170 4.61 9.71 10.48
N VAL B 171 3.76 10.23 11.37
CA VAL B 171 2.78 11.21 10.94
C VAL B 171 3.47 12.55 10.85
N ILE B 172 3.31 13.24 9.72
CA ILE B 172 3.98 14.54 9.52
C ILE B 172 3.02 15.58 9.03
N PRO B 173 3.30 16.87 9.35
CA PRO B 173 4.42 17.34 10.16
C PRO B 173 4.09 17.32 11.64
N GLN B 174 5.12 17.17 12.48
CA GLN B 174 5.03 17.42 13.91
C GLN B 174 6.20 18.36 14.27
N ASP B 175 5.97 19.31 15.20
CA ASP B 175 7.07 20.13 15.67
C ASP B 175 8.05 19.18 16.40
N ASN B 176 9.33 19.57 16.48
CA ASN B 176 10.35 18.84 17.27
C ASN B 176 10.79 17.53 16.65
N GLN B 177 10.34 17.28 15.42
CA GLN B 177 10.65 16.08 14.72
C GLN B 177 12.02 16.08 14.11
N ARG B 178 12.76 14.95 14.28
CA ARG B 178 14.03 14.74 13.61
C ARG B 178 13.81 13.59 12.63
N LEU B 179 13.24 13.96 11.49
CA LEU B 179 12.50 13.03 10.64
C LEU B 179 13.54 12.21 9.95
N ALA B 180 14.56 12.87 9.41
CA ALA B 180 15.58 12.17 8.66
C ALA B 180 16.28 11.11 9.52
N ASP B 181 16.59 11.45 10.76
N ASP B 181 16.45 11.43 10.80
CA ASP B 181 17.16 10.50 11.69
CA ASP B 181 17.13 10.62 11.82
C ASP B 181 16.35 9.23 11.99
C ASP B 181 16.30 9.37 12.30
N TYR B 182 15.01 9.32 11.96
CA TYR B 182 14.20 8.11 12.19
C TYR B 182 14.65 7.00 11.26
N ALA B 183 15.31 7.39 10.17
CA ALA B 183 15.64 6.43 9.15
C ALA B 183 16.84 5.59 9.60
N LYS B 184 17.47 5.93 10.71
CA LYS B 184 18.58 5.11 11.26
C LYS B 184 18.10 3.96 12.17
N LEU B 185 16.81 3.86 12.39
CA LEU B 185 16.24 2.84 13.26
C LEU B 185 16.09 1.53 12.47
N ASP B 186 15.72 0.47 13.16
CA ASP B 186 15.80 -0.87 12.59
C ASP B 186 14.42 -1.35 12.13
N PHE B 187 13.95 -0.79 11.02
CA PHE B 187 12.64 -1.16 10.49
C PHE B 187 12.78 -1.56 9.04
N GLU B 188 11.83 -2.36 8.54
CA GLU B 188 11.88 -2.77 7.14
C GLU B 188 11.35 -1.68 6.26
N TYR B 189 10.33 -0.96 6.75
CA TYR B 189 9.72 0.12 5.97
C TYR B 189 9.74 1.40 6.76
N PHE B 190 9.96 2.50 6.06
CA PHE B 190 9.93 3.87 6.64
C PHE B 190 8.90 4.65 5.87
N LEU B 191 7.81 5.05 6.56
CA LEU B 191 6.66 5.67 5.91
CA LEU B 191 6.69 5.69 5.88
C LEU B 191 6.35 7.02 6.54
N VAL B 192 5.90 7.97 5.72
CA VAL B 192 5.33 9.22 6.25
C VAL B 192 3.85 9.23 5.94
N GLN B 193 3.06 9.64 6.92
CA GLN B 193 1.61 9.63 6.76
C GLN B 193 1.16 11.06 7.00
N PRO B 194 0.44 11.65 6.06
CA PRO B 194 0.08 13.05 6.31
C PRO B 194 -0.84 13.21 7.48
N MET B 195 -0.61 14.24 8.29
CA MET B 195 -1.55 14.49 9.39
C MET B 195 -2.91 14.99 8.91
N ASP B 196 -3.98 14.30 9.30
CA ASP B 196 -5.34 14.70 8.92
C ASP B 196 -5.80 15.77 9.86
N GLY B 197 -6.70 16.60 9.38
CA GLY B 197 -7.13 17.75 10.17
C GLY B 197 -7.33 18.82 9.12
N PRO B 198 -7.38 20.08 9.52
CA PRO B 198 -7.73 21.07 8.50
C PRO B 198 -6.62 21.31 7.48
N SER B 199 -5.42 20.77 7.68
CA SER B 199 -4.35 20.95 6.72
C SER B 199 -3.97 19.68 5.95
N ARG B 200 -4.91 18.74 5.84
N ARG B 200 -4.89 18.72 5.82
CA ARG B 200 -4.63 17.43 5.25
CA ARG B 200 -4.55 17.42 5.24
C ARG B 200 -4.02 17.52 3.86
C ARG B 200 -3.98 17.54 3.84
N ASP B 201 -4.62 18.33 2.99
CA ASP B 201 -4.14 18.44 1.61
C ASP B 201 -2.71 19.02 1.56
N LEU B 202 -2.46 20.02 2.39
CA LEU B 202 -1.16 20.62 2.55
C LEU B 202 -0.13 19.61 3.07
N ASN B 203 -0.50 18.89 4.11
CA ASN B 203 0.38 17.88 4.65
C ASN B 203 0.66 16.72 3.69
N THR B 204 -0.31 16.41 2.86
CA THR B 204 -0.14 15.37 1.85
C THR B 204 0.89 15.85 0.82
N LYS B 205 0.81 17.12 0.38
CA LYS B 205 1.80 17.64 -0.55
C LYS B 205 3.20 17.60 0.10
N LEU B 206 3.29 17.95 1.38
CA LEU B 206 4.58 17.92 2.11
C LEU B 206 5.14 16.51 2.17
N ALA B 207 4.26 15.57 2.40
CA ALA B 207 4.65 14.16 2.52
C ALA B 207 5.13 13.56 1.20
N ILE B 208 4.40 13.87 0.13
CA ILE B 208 4.83 13.37 -1.18
C ILE B 208 6.22 13.91 -1.52
N ASP B 209 6.39 15.21 -1.25
CA ASP B 209 7.63 15.86 -1.59
C ASP B 209 8.81 15.25 -0.77
N TRP B 210 8.55 15.02 0.52
CA TRP B 210 9.53 14.42 1.41
C TRP B 210 10.03 13.10 0.80
N CYS B 211 9.10 12.22 0.38
CA CYS B 211 9.48 10.93 -0.12
C CYS B 211 10.29 11.08 -1.40
N LYS B 212 9.86 12.00 -2.26
CA LYS B 212 10.53 12.14 -3.55
C LYS B 212 11.95 12.68 -3.37
N ARG B 213 12.12 13.52 -2.35
N ARG B 213 12.12 13.53 -2.35
CA ARG B 213 13.46 14.03 -2.05
CA ARG B 213 13.45 14.03 -1.99
C ARG B 213 14.30 13.01 -1.27
C ARG B 213 14.29 12.96 -1.32
N HIS B 214 13.63 12.17 -0.48
CA HIS B 214 14.32 11.21 0.39
C HIS B 214 13.71 9.81 0.22
N PRO B 215 14.11 9.10 -0.84
CA PRO B 215 13.28 7.93 -1.19
C PRO B 215 13.51 6.63 -0.41
N GLN B 216 14.27 6.64 0.67
CA GLN B 216 14.13 5.57 1.69
C GLN B 216 12.68 5.56 2.17
N TRP B 217 12.03 6.72 2.13
CA TRP B 217 10.68 6.88 2.67
C TRP B 217 9.60 6.68 1.64
N ARG B 218 8.51 6.07 2.06
CA ARG B 218 7.36 6.01 1.15
CA ARG B 218 7.35 5.81 1.21
C ARG B 218 6.10 6.48 1.82
N LEU B 219 5.11 6.79 0.99
CA LEU B 219 3.92 7.44 1.46
C LEU B 219 2.90 6.45 2.02
N SER B 220 2.40 6.73 3.21
CA SER B 220 1.24 6.01 3.73
C SER B 220 0.03 6.97 3.75
N MET B 221 -0.90 6.80 2.81
CA MET B 221 -2.17 7.51 2.86
C MET B 221 -3.11 6.84 3.83
N GLN B 222 -4.03 7.60 4.39
CA GLN B 222 -5.11 6.97 5.12
C GLN B 222 -6.20 6.57 4.12
N THR B 223 -5.98 5.45 3.43
CA THR B 223 -6.86 5.13 2.27
C THR B 223 -8.30 4.92 2.68
N HIS B 224 -8.54 4.49 3.92
CA HIS B 224 -9.94 4.21 4.32
C HIS B 224 -10.79 5.50 4.36
N LYS B 225 -10.14 6.62 4.62
CA LYS B 225 -10.81 7.92 4.59
C LYS B 225 -11.16 8.33 3.16
N TYR B 226 -10.36 7.93 2.19
CA TYR B 226 -10.73 8.23 0.81
C TYR B 226 -11.78 7.25 0.32
N LEU B 227 -11.75 6.02 0.82
CA LEU B 227 -12.75 5.03 0.40
C LEU B 227 -14.04 5.19 1.18
N ASN B 228 -14.01 6.02 2.21
CA ASN B 228 -15.13 6.19 3.14
CA ASN B 228 -15.12 6.19 3.17
C ASN B 228 -15.55 4.86 3.78
N ILE B 229 -14.60 4.13 4.34
CA ILE B 229 -14.93 2.88 5.01
C ILE B 229 -14.33 2.95 6.41
N PRO B 230 -14.84 2.12 7.33
CA PRO B 230 -14.29 2.21 8.70
C PRO B 230 -12.79 1.90 8.79
#